data_7QQY
#
_entry.id   7QQY
#
_cell.length_a   40.524
_cell.length_b   67.817
_cell.length_c   75.489
_cell.angle_alpha   90.000
_cell.angle_beta   90.000
_cell.angle_gamma   90.000
#
_symmetry.space_group_name_H-M   'P 21 21 21'
#
loop_
_entity.id
_entity.type
_entity.pdbx_description
1 polymer 'Uncharacterized protein YGR066C'
2 polymer ECM21
3 non-polymer 'CHLORIDE ION'
4 water water
#
loop_
_entity_poly.entity_id
_entity_poly.type
_entity_poly.pdbx_seq_one_letter_code
_entity_poly.pdbx_strand_id
1 'polypeptide(L)'
;GSGSAKYTYRSLGRHLDFLRPGLRFGGSQSSKYTYYTVEVKIDTVNLPLYKDSRSLDPHVTGTFTIKNLTPVLDKVVTLF
EGYVINYNQFPLCSLHWPAEETLDPYMAQRESDCSHWKRFGHFGSDNWSLTERNFGQYNHESAEFMNQRYIYLKWKERFL
LDDEEQENLMLDDNHHLEGASFEGFYYVCLDQLTGSVEGYYYHPACELFQKLELVPTNCDALNT
;
A
2 'polypeptide(L)' PFITSRPW B
#
# COMPACT_ATOMS: atom_id res chain seq x y z
N SER A 4 18.69 7.70 -18.75
CA SER A 4 19.43 6.45 -18.63
C SER A 4 18.50 5.27 -18.33
N ALA A 5 19.04 4.06 -18.52
CA ALA A 5 18.25 2.84 -18.44
C ALA A 5 18.06 2.36 -17.01
N LYS A 6 18.71 2.98 -16.04
CA LYS A 6 18.65 2.54 -14.65
C LYS A 6 17.95 3.58 -13.80
N TYR A 7 17.22 3.09 -12.79
CA TYR A 7 16.79 3.95 -11.72
C TYR A 7 17.96 4.17 -10.75
N THR A 8 18.16 5.42 -10.35
CA THR A 8 19.21 5.78 -9.41
C THR A 8 18.60 6.16 -8.06
N TYR A 9 19.09 5.55 -7.00
CA TYR A 9 18.63 5.83 -5.64
C TYR A 9 19.70 6.48 -4.77
N GLY A 13 21.27 1.03 -0.83
CA GLY A 13 20.44 0.02 -1.46
C GLY A 13 19.28 0.61 -2.24
N ARG A 14 18.53 -0.24 -2.93
CA ARG A 14 17.40 0.21 -3.74
C ARG A 14 16.21 0.40 -2.82
N HIS A 15 16.26 1.51 -2.08
CA HIS A 15 15.39 1.82 -0.95
C HIS A 15 15.09 3.31 -0.98
N LEU A 16 14.20 3.74 -0.09
CA LEU A 16 13.94 5.14 0.19
C LEU A 16 14.19 5.42 1.66
N ASP A 17 14.44 6.70 1.99
CA ASP A 17 14.68 7.06 3.38
C ASP A 17 13.52 6.61 4.27
N PHE A 18 12.29 6.74 3.79
CA PHE A 18 11.10 6.34 4.53
C PHE A 18 10.47 5.07 3.99
N LEU A 19 11.25 4.25 3.28
CA LEU A 19 10.78 2.92 2.86
C LEU A 19 12.04 2.06 2.74
N ARG A 20 12.43 1.47 3.88
CA ARG A 20 13.69 0.75 3.99
C ARG A 20 13.51 -0.34 5.00
N PRO A 21 14.27 -1.43 4.89
CA PRO A 21 14.12 -2.54 5.84
C PRO A 21 14.35 -2.09 7.28
N GLY A 22 13.47 -2.58 8.17
CA GLY A 22 13.58 -2.27 9.58
C GLY A 22 12.80 -1.06 10.03
N LEU A 23 12.27 -0.26 9.11
CA LEU A 23 11.51 0.92 9.48
C LEU A 23 10.16 0.51 10.06
N ARG A 24 9.78 1.15 11.16
CA ARG A 24 8.49 0.92 11.79
C ARG A 24 7.64 2.18 11.71
N PHE A 25 6.34 1.96 11.54
CA PHE A 25 5.33 3.00 11.50
C PHE A 25 4.24 2.66 12.51
N GLY A 26 3.60 3.71 13.02
CA GLY A 26 2.43 3.54 13.85
C GLY A 26 1.33 4.50 13.43
N GLY A 27 0.09 4.15 13.79
CA GLY A 27 -1.02 5.01 13.48
C GLY A 27 -2.31 4.27 13.67
N SER A 28 -3.16 4.29 12.64
CA SER A 28 -4.50 3.76 12.81
C SER A 28 -5.14 3.43 11.48
N GLN A 29 -6.23 2.67 11.57
CA GLN A 29 -7.16 2.54 10.47
C GLN A 29 -8.54 2.92 11.00
N SER A 30 -9.25 3.72 10.21
CA SER A 30 -10.56 4.20 10.60
C SER A 30 -11.65 3.19 10.22
N SER A 31 -12.75 3.25 10.96
CA SER A 31 -14.01 2.60 10.60
C SER A 31 -15.10 3.58 11.01
N LYS A 32 -16.35 3.21 10.72
CA LYS A 32 -17.44 4.16 11.00
C LYS A 32 -17.64 4.42 12.48
N TYR A 33 -17.22 3.51 13.35
CA TYR A 33 -17.50 3.63 14.78
C TYR A 33 -16.33 4.13 15.60
N THR A 34 -15.10 3.89 15.13
CA THR A 34 -13.92 4.20 15.95
C THR A 34 -12.69 4.03 15.07
N TYR A 35 -11.56 4.49 15.59
CA TYR A 35 -10.25 4.23 14.99
C TYR A 35 -9.58 3.10 15.75
N TYR A 36 -8.81 2.29 15.02
CA TYR A 36 -8.09 1.15 15.58
C TYR A 36 -6.59 1.35 15.43
N THR A 37 -5.85 1.07 16.49
CA THR A 37 -4.39 1.16 16.48
C THR A 37 -3.78 0.22 15.44
N VAL A 38 -2.83 0.74 14.65
CA VAL A 38 -2.12 -0.04 13.64
C VAL A 38 -0.63 0.17 13.86
N GLU A 39 0.14 -0.91 13.71
CA GLU A 39 1.59 -0.84 13.58
C GLU A 39 2.04 -1.54 12.31
N VAL A 40 3.02 -0.98 11.62
CA VAL A 40 3.55 -1.59 10.41
C VAL A 40 5.05 -1.69 10.56
N LYS A 41 5.61 -2.82 10.16
CA LYS A 41 7.06 -2.96 10.05
C LYS A 41 7.40 -3.27 8.62
N ILE A 42 8.36 -2.55 8.06
CA ILE A 42 8.85 -2.84 6.72
C ILE A 42 9.97 -3.88 6.86
N ASP A 43 9.78 -5.04 6.24
CA ASP A 43 10.74 -6.13 6.38
C ASP A 43 11.74 -6.17 5.23
N THR A 44 11.29 -6.02 3.99
CA THR A 44 12.18 -6.01 2.84
C THR A 44 11.77 -4.91 1.88
N VAL A 45 12.75 -4.36 1.17
CA VAL A 45 12.50 -3.38 0.13
C VAL A 45 13.47 -3.66 -0.99
N ASN A 46 12.95 -3.80 -2.21
CA ASN A 46 13.75 -4.15 -3.39
C ASN A 46 13.12 -3.41 -4.58
N LEU A 47 13.45 -2.14 -4.68
CA LEU A 47 12.95 -1.32 -5.77
C LEU A 47 13.72 -1.66 -7.05
N PRO A 48 13.12 -1.46 -8.22
CA PRO A 48 13.75 -1.94 -9.46
C PRO A 48 15.01 -1.17 -9.82
N LEU A 49 15.94 -1.89 -10.44
CA LEU A 49 17.14 -1.25 -10.93
C LEU A 49 16.95 -0.68 -12.33
N TYR A 50 16.12 -1.31 -13.16
CA TYR A 50 16.01 -0.96 -14.57
C TYR A 50 14.62 -0.39 -14.88
N LYS A 51 14.61 0.65 -15.72
CA LYS A 51 13.35 1.19 -16.24
C LYS A 51 12.58 0.11 -17.00
N ASP A 52 13.26 -0.62 -17.85
CA ASP A 52 12.70 -1.73 -18.60
C ASP A 52 12.98 -3.04 -17.86
N SER A 53 12.48 -3.10 -16.64
CA SER A 53 12.69 -4.27 -15.79
C SER A 53 11.83 -5.43 -16.25
N ARG A 54 12.35 -6.65 -16.06
CA ARG A 54 11.60 -7.87 -16.25
C ARG A 54 11.13 -8.49 -14.95
N SER A 55 11.54 -7.93 -13.81
CA SER A 55 11.31 -8.56 -12.53
C SER A 55 9.87 -8.37 -12.06
N LEU A 56 9.32 -9.42 -11.47
CA LEU A 56 7.98 -9.38 -10.88
C LEU A 56 8.03 -9.57 -9.36
N ASP A 57 9.22 -9.62 -8.78
CA ASP A 57 9.35 -9.79 -7.34
C ASP A 57 8.75 -8.58 -6.62
N PRO A 58 8.06 -8.79 -5.50
CA PRO A 58 7.51 -7.65 -4.75
C PRO A 58 8.56 -6.63 -4.38
N HIS A 59 8.20 -5.36 -4.54
CA HIS A 59 9.09 -4.27 -4.19
C HIS A 59 9.18 -4.03 -2.69
N VAL A 60 8.17 -4.48 -1.93
CA VAL A 60 8.19 -4.26 -0.48
C VAL A 60 7.46 -5.43 0.16
N THR A 61 7.93 -5.83 1.34
CA THR A 61 7.17 -6.74 2.18
C THR A 61 7.20 -6.22 3.61
N GLY A 62 6.20 -6.61 4.39
CA GLY A 62 6.20 -6.16 5.76
C GLY A 62 5.12 -6.83 6.56
N THR A 63 4.98 -6.37 7.79
CA THR A 63 4.02 -6.86 8.77
CA THR A 63 3.98 -6.88 8.70
C THR A 63 3.04 -5.75 9.12
N PHE A 64 1.77 -6.08 9.23
CA PHE A 64 0.71 -5.13 9.53
C PHE A 64 -0.04 -5.67 10.74
N THR A 65 -0.11 -4.90 11.82
CA THR A 65 -0.77 -5.32 13.04
C THR A 65 -1.90 -4.36 13.38
N ILE A 66 -3.08 -4.87 13.65
CA ILE A 66 -4.17 -4.05 14.15
C ILE A 66 -4.52 -4.56 15.54
N LYS A 67 -4.60 -3.63 16.49
CA LYS A 67 -4.79 -3.98 17.89
C LYS A 67 -6.18 -3.66 18.40
N ASN A 68 -6.63 -4.50 19.34
CA ASN A 68 -7.89 -4.33 20.06
C ASN A 68 -9.06 -4.15 19.10
N LEU A 69 -9.22 -5.15 18.25
CA LEU A 69 -10.18 -5.07 17.17
C LEU A 69 -11.61 -5.36 17.65
N THR A 70 -11.78 -6.36 18.51
CA THR A 70 -13.10 -6.60 19.11
C THR A 70 -12.86 -6.86 20.59
N PRO A 71 -13.91 -6.95 21.42
CA PRO A 71 -13.68 -7.29 22.83
C PRO A 71 -12.94 -8.60 23.05
N VAL A 72 -12.94 -9.51 22.07
CA VAL A 72 -12.37 -10.83 22.25
C VAL A 72 -11.23 -11.11 21.28
N LEU A 73 -10.75 -10.09 20.56
CA LEU A 73 -9.71 -10.28 19.55
C LEU A 73 -8.72 -9.13 19.72
N ASP A 74 -7.61 -9.40 20.40
CA ASP A 74 -6.71 -8.35 20.84
C ASP A 74 -5.71 -7.94 19.79
N LYS A 75 -5.44 -8.78 18.80
CA LYS A 75 -4.41 -8.44 17.82
C LYS A 75 -4.65 -9.29 16.58
N VAL A 76 -4.52 -8.67 15.41
CA VAL A 76 -4.53 -9.37 14.14
C VAL A 76 -3.26 -8.94 13.42
N VAL A 77 -2.39 -9.90 13.13
CA VAL A 77 -1.11 -9.65 12.47
C VAL A 77 -1.11 -10.33 11.11
N THR A 78 -0.76 -9.56 10.08
CA THR A 78 -0.67 -10.09 8.72
C THR A 78 0.68 -9.75 8.12
N LEU A 79 1.06 -10.55 7.13
CA LEU A 79 2.24 -10.27 6.32
C LEU A 79 1.74 -9.80 4.97
N PHE A 80 2.27 -8.69 4.49
CA PHE A 80 1.87 -8.15 3.21
C PHE A 80 3.05 -8.07 2.26
N GLU A 81 2.70 -8.07 0.98
CA GLU A 81 3.63 -7.79 -0.10
C GLU A 81 3.11 -6.60 -0.87
N GLY A 82 3.97 -5.97 -1.65
CA GLY A 82 3.48 -4.80 -2.35
C GLY A 82 4.40 -4.37 -3.46
N TYR A 83 3.86 -3.42 -4.22
CA TYR A 83 4.54 -2.84 -5.37
C TYR A 83 4.49 -1.31 -5.27
N VAL A 84 5.56 -0.68 -5.73
CA VAL A 84 5.70 0.77 -5.73
C VAL A 84 5.51 1.25 -7.17
N ILE A 85 4.54 2.14 -7.35
CA ILE A 85 4.25 2.68 -8.68
C ILE A 85 5.47 3.43 -9.18
N ASN A 86 5.91 3.10 -10.40
CA ASN A 86 7.01 3.82 -11.01
C ASN A 86 6.66 4.43 -12.35
N TYR A 87 5.40 4.32 -12.80
CA TYR A 87 4.86 4.93 -14.00
C TYR A 87 5.32 4.22 -15.27
N ASN A 88 6.25 3.26 -15.19
CA ASN A 88 6.84 2.59 -16.34
C ASN A 88 6.33 1.17 -16.33
N GLN A 89 7.08 0.20 -15.77
CA GLN A 89 6.56 -1.17 -15.68
C GLN A 89 5.34 -1.25 -14.77
N PHE A 90 5.29 -0.41 -13.73
CA PHE A 90 4.19 -0.39 -12.76
C PHE A 90 3.53 0.98 -12.77
N PRO A 91 2.62 1.24 -13.71
CA PRO A 91 1.93 2.53 -13.80
C PRO A 91 0.80 2.63 -12.77
N LEU A 92 0.16 3.81 -12.74
CA LEU A 92 -0.88 4.01 -11.73
C LEU A 92 -2.07 3.09 -11.97
N CYS A 93 -2.37 2.76 -13.22
CA CYS A 93 -3.51 1.90 -13.53
C CYS A 93 -3.06 0.44 -13.58
N SER A 94 -3.62 -0.35 -12.66
N SER A 94 -3.56 -0.38 -12.65
CA SER A 94 -3.26 -1.76 -12.48
CA SER A 94 -3.06 -1.75 -12.56
C SER A 94 -3.46 -2.57 -13.75
C SER A 94 -3.47 -2.62 -13.75
N LEU A 95 -4.47 -2.23 -14.54
CA LEU A 95 -4.73 -2.97 -15.77
C LEU A 95 -3.54 -2.93 -16.71
N HIS A 96 -2.63 -1.99 -16.54
CA HIS A 96 -1.46 -1.83 -17.37
C HIS A 96 -0.18 -2.33 -16.69
N TRP A 97 -0.32 -3.00 -15.54
CA TRP A 97 0.77 -3.75 -14.97
C TRP A 97 1.04 -4.99 -15.83
N PRO A 98 2.17 -5.66 -15.64
CA PRO A 98 2.45 -6.89 -16.41
C PRO A 98 1.31 -7.89 -16.28
N ALA A 99 0.99 -8.54 -17.40
CA ALA A 99 -0.15 -9.45 -17.48
C ALA A 99 0.24 -10.81 -16.90
N GLU A 100 0.34 -10.85 -15.57
CA GLU A 100 0.86 -11.99 -14.83
C GLU A 100 -0.06 -12.33 -13.67
N GLU A 101 -0.32 -13.63 -13.48
CA GLU A 101 -1.29 -14.06 -12.47
C GLU A 101 -0.88 -13.67 -11.06
N THR A 102 0.42 -13.62 -10.77
CA THR A 102 0.88 -13.22 -9.45
C THR A 102 0.41 -11.81 -9.07
N LEU A 103 0.05 -10.98 -10.06
CA LEU A 103 -0.39 -9.62 -9.81
C LEU A 103 -1.92 -9.49 -9.77
N ASP A 104 -2.66 -10.57 -10.00
CA ASP A 104 -4.12 -10.49 -9.92
C ASP A 104 -4.64 -9.84 -8.64
N PRO A 105 -4.10 -10.10 -7.45
CA PRO A 105 -4.66 -9.49 -6.23
C PRO A 105 -4.62 -7.98 -6.17
N TYR A 106 -3.87 -7.33 -7.05
CA TYR A 106 -3.74 -5.89 -7.09
C TYR A 106 -4.63 -5.24 -8.12
N MET A 107 -5.29 -6.02 -8.98
CA MET A 107 -6.16 -5.45 -10.01
C MET A 107 -7.43 -4.83 -9.47
N ALA A 108 -7.80 -3.72 -10.12
CA ALA A 108 -9.06 -3.06 -9.89
C ALA A 108 -9.49 -2.39 -11.18
N GLN A 109 -10.75 -2.01 -11.23
CA GLN A 109 -11.24 -1.24 -12.36
C GLN A 109 -10.44 0.04 -12.49
N ARG A 110 -10.29 0.53 -13.72
N ARG A 110 -10.30 0.52 -13.73
CA ARG A 110 -9.51 1.75 -13.90
CA ARG A 110 -9.56 1.75 -13.97
C ARG A 110 -10.13 2.93 -13.16
C ARG A 110 -10.14 2.91 -13.16
N GLU A 111 -11.47 2.97 -13.05
CA GLU A 111 -12.10 4.05 -12.30
C GLU A 111 -11.77 3.99 -10.82
N SER A 112 -11.65 2.76 -10.27
CA SER A 112 -11.28 2.58 -8.87
C SER A 112 -9.86 3.08 -8.61
N ASP A 113 -8.91 2.69 -9.47
CA ASP A 113 -7.56 3.18 -9.27
C ASP A 113 -7.52 4.70 -9.40
N CYS A 114 -8.14 5.23 -10.46
CA CYS A 114 -8.07 6.68 -10.69
C CYS A 114 -8.62 7.45 -9.50
N SER A 115 -9.80 7.06 -9.01
N SER A 115 -9.80 7.05 -9.03
CA SER A 115 -10.42 7.79 -7.92
CA SER A 115 -10.45 7.75 -7.92
C SER A 115 -9.61 7.70 -6.64
C SER A 115 -9.61 7.69 -6.66
N HIS A 116 -9.07 6.50 -6.32
CA HIS A 116 -8.32 6.38 -5.08
C HIS A 116 -7.01 7.16 -5.12
N TRP A 117 -6.26 7.08 -6.22
CA TRP A 117 -5.03 7.86 -6.25
C TRP A 117 -5.30 9.36 -6.18
N LYS A 118 -6.33 9.81 -6.90
CA LYS A 118 -6.67 11.23 -6.88
C LYS A 118 -7.11 11.68 -5.49
N ARG A 119 -7.72 10.78 -4.72
CA ARG A 119 -8.22 11.13 -3.39
C ARG A 119 -7.14 11.60 -2.44
N PHE A 120 -5.89 11.14 -2.62
CA PHE A 120 -4.84 11.60 -1.72
C PHE A 120 -4.57 13.09 -1.89
N GLY A 121 -4.91 13.65 -3.04
CA GLY A 121 -4.95 15.10 -3.21
C GLY A 121 -3.67 15.75 -3.64
N HIS A 122 -2.69 14.98 -4.12
CA HIS A 122 -1.38 15.54 -4.41
C HIS A 122 -1.12 15.82 -5.89
N PHE A 123 -1.97 15.32 -6.79
CA PHE A 123 -1.74 15.54 -8.21
C PHE A 123 -2.19 16.95 -8.61
N GLY A 124 -1.66 17.41 -9.75
CA GLY A 124 -2.19 18.59 -10.38
C GLY A 124 -3.57 18.33 -10.94
N SER A 125 -4.22 19.39 -11.44
CA SER A 125 -5.54 19.26 -12.01
C SER A 125 -5.53 19.06 -13.52
N ASP A 126 -4.38 19.19 -14.16
CA ASP A 126 -4.29 19.13 -15.62
C ASP A 126 -4.15 17.70 -16.12
N ASN A 127 -4.60 17.49 -17.36
CA ASN A 127 -4.28 16.32 -18.19
C ASN A 127 -4.90 15.02 -17.70
N TRP A 128 -5.89 15.05 -16.82
CA TRP A 128 -6.49 13.80 -16.37
C TRP A 128 -7.17 13.07 -17.52
N SER A 129 -6.92 11.77 -17.61
CA SER A 129 -7.56 10.92 -18.61
C SER A 129 -7.79 9.55 -18.00
N LEU A 130 -9.05 9.13 -17.95
CA LEU A 130 -9.37 7.84 -17.36
C LEU A 130 -8.74 6.67 -18.11
N THR A 131 -8.47 6.83 -19.41
CA THR A 131 -8.08 5.72 -20.27
C THR A 131 -6.58 5.69 -20.56
N GLU A 132 -5.78 6.51 -19.90
CA GLU A 132 -4.34 6.46 -20.04
C GLU A 132 -3.75 5.72 -18.84
N ARG A 133 -2.61 5.04 -19.05
CA ARG A 133 -2.10 4.11 -18.04
C ARG A 133 -1.65 4.79 -16.75
N ASN A 134 -1.24 6.06 -16.82
CA ASN A 134 -0.94 6.84 -15.63
C ASN A 134 -1.93 7.97 -15.44
N PHE A 135 -3.12 7.84 -16.03
CA PHE A 135 -4.20 8.81 -15.92
C PHE A 135 -3.77 10.20 -16.37
N GLY A 136 -2.80 10.26 -17.28
CA GLY A 136 -2.29 11.51 -17.78
C GLY A 136 -1.29 12.20 -16.87
N GLN A 137 -0.92 11.59 -15.74
CA GLN A 137 -0.16 12.28 -14.69
C GLN A 137 1.34 12.09 -14.77
N TYR A 138 1.86 11.34 -15.73
CA TYR A 138 3.30 11.14 -15.85
C TYR A 138 3.78 11.65 -17.20
N ASN A 139 4.61 12.68 -17.17
CA ASN A 139 5.25 13.26 -18.34
C ASN A 139 6.73 12.92 -18.32
N HIS A 140 7.32 12.79 -19.49
CA HIS A 140 8.72 12.38 -19.49
C HIS A 140 9.63 13.41 -18.85
N GLU A 141 9.20 14.67 -18.75
CA GLU A 141 9.91 15.65 -17.94
C GLU A 141 9.55 15.58 -16.45
N SER A 142 8.54 14.80 -16.06
CA SER A 142 8.34 14.53 -14.64
C SER A 142 9.60 13.87 -14.10
N ALA A 143 9.88 14.10 -12.83
CA ALA A 143 10.97 13.39 -12.18
C ALA A 143 10.62 11.91 -12.10
N GLU A 144 11.66 11.07 -12.09
CA GLU A 144 11.43 9.65 -11.88
C GLU A 144 10.80 9.44 -10.50
N PHE A 145 10.17 8.29 -10.31
CA PHE A 145 9.23 8.13 -9.20
C PHE A 145 9.87 8.40 -7.84
N MET A 146 11.09 7.95 -7.63
CA MET A 146 11.73 8.09 -6.33
C MET A 146 12.20 9.51 -6.06
N ASN A 147 12.22 10.37 -7.08
CA ASN A 147 12.62 11.76 -6.92
C ASN A 147 11.43 12.69 -6.76
N GLN A 148 10.20 12.17 -6.77
CA GLN A 148 9.02 12.97 -6.50
C GLN A 148 8.70 12.94 -5.01
N ARG A 149 7.97 13.95 -4.55
CA ARG A 149 7.67 14.05 -3.12
C ARG A 149 6.81 12.88 -2.66
N TYR A 150 5.81 12.51 -3.46
CA TYR A 150 4.86 11.50 -3.05
C TYR A 150 5.09 10.21 -3.82
N ILE A 151 5.10 9.11 -3.08
CA ILE A 151 5.28 7.75 -3.59
C ILE A 151 3.95 7.04 -3.42
N TYR A 152 3.56 6.29 -4.44
CA TYR A 152 2.32 5.52 -4.44
C TYR A 152 2.64 4.04 -4.43
N LEU A 153 1.88 3.27 -3.66
CA LEU A 153 2.16 1.84 -3.50
C LEU A 153 0.84 1.13 -3.35
N LYS A 154 0.82 -0.16 -3.70
CA LYS A 154 -0.26 -1.04 -3.29
C LYS A 154 0.29 -2.15 -2.41
N TRP A 155 -0.44 -2.46 -1.35
CA TRP A 155 -0.07 -3.54 -0.42
C TRP A 155 -1.18 -4.58 -0.37
N LYS A 156 -0.83 -5.85 -0.49
CA LYS A 156 -1.77 -6.96 -0.39
C LYS A 156 -1.33 -7.89 0.73
N GLU A 157 -2.20 -8.10 1.70
CA GLU A 157 -1.94 -9.03 2.78
C GLU A 157 -2.10 -10.46 2.29
N ARG A 158 -1.10 -11.30 2.58
CA ARG A 158 -1.08 -12.66 2.08
C ARG A 158 -1.10 -13.74 3.15
N PHE A 159 -0.65 -13.43 4.37
CA PHE A 159 -0.60 -14.43 5.43
C PHE A 159 -1.11 -13.82 6.71
N LEU A 160 -1.75 -14.66 7.52
CA LEU A 160 -2.09 -14.33 8.90
C LEU A 160 -1.01 -14.93 9.78
N LEU A 161 -0.42 -14.10 10.63
CA LEU A 161 0.63 -14.56 11.53
C LEU A 161 0.06 -14.79 12.92
N ASP A 162 0.88 -15.42 13.76
CA ASP A 162 0.53 -15.61 15.16
C ASP A 162 0.95 -14.38 15.97
N ASP A 163 0.71 -14.44 17.30
CA ASP A 163 1.01 -13.32 18.16
C ASP A 163 2.51 -13.03 18.25
N GLU A 164 3.34 -13.98 17.83
CA GLU A 164 4.79 -13.79 17.79
C GLU A 164 5.30 -13.52 16.37
N GLU A 165 4.40 -13.17 15.45
CA GLU A 165 4.76 -12.90 14.06
C GLU A 165 5.48 -14.07 13.41
N ASN A 168 1.33 -18.58 10.04
CA ASN A 168 0.28 -19.44 10.52
C ASN A 168 -0.61 -19.92 9.38
N LEU A 169 -1.37 -19.00 8.78
CA LEU A 169 -2.31 -19.34 7.72
C LEU A 169 -2.06 -18.47 6.50
N MET A 170 -2.29 -19.05 5.33
CA MET A 170 -2.37 -18.28 4.10
C MET A 170 -3.76 -17.69 3.96
N LEU A 171 -3.83 -16.40 3.64
CA LEU A 171 -5.12 -15.76 3.48
C LEU A 171 -5.73 -16.08 2.12
N ASP A 172 -7.05 -15.95 2.07
CA ASP A 172 -7.78 -15.97 0.80
C ASP A 172 -8.96 -15.02 0.92
N ASP A 173 -9.51 -14.65 -0.23
CA ASP A 173 -10.50 -13.59 -0.24
C ASP A 173 -11.84 -14.05 0.30
N ASN A 174 -12.06 -15.35 0.49
CA ASN A 174 -13.38 -15.86 0.84
C ASN A 174 -13.46 -16.45 2.24
N HIS A 175 -12.43 -16.28 3.06
CA HIS A 175 -12.45 -16.74 4.43
C HIS A 175 -11.91 -15.61 5.29
N HIS A 176 -12.46 -15.48 6.50
CA HIS A 176 -12.18 -14.29 7.28
C HIS A 176 -12.29 -14.59 8.76
N LEU A 177 -11.90 -13.60 9.56
CA LEU A 177 -12.07 -13.61 11.01
C LEU A 177 -13.31 -12.84 11.38
N GLU A 178 -13.77 -13.06 12.60
CA GLU A 178 -14.82 -12.25 13.19
C GLU A 178 -14.21 -10.90 13.58
N GLY A 179 -14.45 -9.90 12.76
CA GLY A 179 -13.93 -8.57 12.97
C GLY A 179 -13.01 -8.10 11.86
N ALA A 180 -12.48 -8.99 11.03
CA ALA A 180 -11.55 -8.59 9.97
C ALA A 180 -11.68 -9.51 8.77
N SER A 181 -11.78 -8.93 7.58
CA SER A 181 -11.79 -9.72 6.36
CA SER A 181 -11.83 -9.67 6.33
C SER A 181 -10.64 -9.28 5.47
N PHE A 182 -10.38 -10.10 4.45
CA PHE A 182 -9.10 -10.01 3.76
C PHE A 182 -9.23 -10.01 2.24
N GLU A 183 -10.35 -9.53 1.72
CA GLU A 183 -10.53 -9.69 0.28
C GLU A 183 -9.81 -8.65 -0.56
N GLY A 184 -9.40 -7.52 0.01
CA GLY A 184 -8.94 -6.38 -0.75
C GLY A 184 -7.47 -6.08 -0.54
N PHE A 185 -7.07 -4.89 -0.99
CA PHE A 185 -5.69 -4.42 -0.86
C PHE A 185 -5.72 -2.96 -0.41
N TYR A 186 -4.56 -2.39 -0.07
CA TYR A 186 -4.48 -0.97 0.28
C TYR A 186 -3.85 -0.18 -0.86
N TYR A 187 -4.50 0.94 -1.21
CA TYR A 187 -3.81 2.04 -1.89
C TYR A 187 -3.04 2.81 -0.83
N VAL A 188 -1.80 3.16 -1.11
CA VAL A 188 -0.95 3.79 -0.09
C VAL A 188 -0.20 4.93 -0.73
N CYS A 189 -0.02 6.01 0.04
CA CYS A 189 0.76 7.16 -0.38
C CYS A 189 1.71 7.55 0.74
N LEU A 190 2.99 7.69 0.40
CA LEU A 190 4.03 8.10 1.32
C LEU A 190 4.53 9.48 0.92
N ASP A 191 4.57 10.42 1.88
CA ASP A 191 5.16 11.74 1.69
C ASP A 191 6.63 11.65 2.09
N GLN A 192 7.53 11.76 1.10
CA GLN A 192 8.94 11.59 1.40
C GLN A 192 9.53 12.75 2.18
N LEU A 193 8.84 13.90 2.23
CA LEU A 193 9.37 15.02 3.00
C LEU A 193 9.14 14.87 4.49
N THR A 194 8.02 14.24 4.88
CA THR A 194 7.65 14.12 6.29
C THR A 194 7.65 12.70 6.82
N GLY A 195 7.56 11.70 5.93
CA GLY A 195 7.41 10.32 6.34
C GLY A 195 5.98 9.92 6.60
N SER A 196 5.04 10.84 6.46
CA SER A 196 3.64 10.51 6.72
CA SER A 196 3.64 10.54 6.70
C SER A 196 3.09 9.62 5.61
N VAL A 197 2.25 8.67 6.03
CA VAL A 197 1.66 7.70 5.12
C VAL A 197 0.16 7.77 5.29
N GLU A 198 -0.55 7.72 4.18
CA GLU A 198 -1.99 7.55 4.19
C GLU A 198 -2.35 6.36 3.30
N GLY A 199 -3.52 5.79 3.50
CA GLY A 199 -3.91 4.69 2.65
C GLY A 199 -5.40 4.48 2.73
N TYR A 200 -5.90 3.69 1.79
CA TYR A 200 -7.32 3.32 1.77
C TYR A 200 -7.43 1.85 1.46
N TYR A 201 -8.23 1.12 2.24
CA TYR A 201 -8.50 -0.28 1.91
C TYR A 201 -9.59 -0.33 0.84
N TYR A 202 -9.40 -1.21 -0.15
CA TYR A 202 -10.36 -1.32 -1.25
C TYR A 202 -10.64 -2.76 -1.66
N HIS A 203 -11.93 -3.07 -1.75
CA HIS A 203 -12.45 -4.20 -2.50
C HIS A 203 -13.88 -3.86 -2.82
N PRO A 204 -14.37 -4.19 -4.03
CA PRO A 204 -15.74 -3.79 -4.39
C PRO A 204 -16.82 -4.31 -3.46
N ALA A 205 -16.57 -5.42 -2.76
CA ALA A 205 -17.59 -5.94 -1.83
C ALA A 205 -17.55 -5.28 -0.46
N CYS A 206 -16.59 -4.39 -0.21
CA CYS A 206 -16.41 -3.75 1.08
C CYS A 206 -16.75 -2.27 0.99
N GLU A 207 -17.22 -1.71 2.10
CA GLU A 207 -17.44 -0.28 2.17
C GLU A 207 -16.14 0.45 1.84
N LEU A 208 -16.29 1.62 1.23
CA LEU A 208 -15.15 2.39 0.75
C LEU A 208 -14.52 3.22 1.86
N PHE A 209 -13.23 3.45 1.73
CA PHE A 209 -12.52 4.52 2.41
C PHE A 209 -12.18 4.26 3.88
N GLN A 210 -12.11 3.02 4.34
CA GLN A 210 -11.40 2.82 5.60
C GLN A 210 -9.98 3.31 5.40
N LYS A 211 -9.55 4.24 6.25
CA LYS A 211 -8.39 5.04 5.97
C LYS A 211 -7.27 4.70 6.94
N LEU A 212 -6.09 4.47 6.38
CA LEU A 212 -4.87 4.22 7.12
C LEU A 212 -4.14 5.55 7.26
N GLU A 213 -3.65 5.82 8.47
CA GLU A 213 -2.70 6.90 8.69
C GLU A 213 -1.53 6.37 9.51
N LEU A 214 -0.30 6.71 9.11
CA LEU A 214 0.86 6.19 9.78
C LEU A 214 1.94 7.26 9.77
N VAL A 215 2.78 7.23 10.80
CA VAL A 215 4.01 8.03 10.84
C VAL A 215 5.15 7.13 11.29
N PRO A 216 6.39 7.39 10.88
CA PRO A 216 7.49 6.55 11.35
C PRO A 216 7.66 6.67 12.85
N THR A 217 7.89 5.53 13.50
CA THR A 217 8.05 5.53 14.95
C THR A 217 9.44 5.18 15.43
N ASN A 218 10.37 4.75 14.56
CA ASN A 218 11.68 4.35 15.06
C ASN A 218 12.82 5.05 14.31
N CYS A 219 12.59 6.27 13.83
CA CYS A 219 13.65 6.99 13.15
C CYS A 219 14.83 7.26 14.08
N ASP A 220 14.56 7.58 15.35
CA ASP A 220 15.66 7.82 16.29
C ASP A 220 16.55 6.59 16.42
N ALA A 221 15.94 5.42 16.48
CA ALA A 221 16.72 4.18 16.57
C ALA A 221 17.56 3.97 15.32
N LEU A 222 16.98 4.21 14.13
CA LEU A 222 17.71 4.01 12.89
C LEU A 222 18.86 5.02 12.75
N ASN A 223 18.69 6.23 13.28
CA ASN A 223 19.68 7.29 13.16
C ASN A 223 20.68 7.29 14.30
N THR A 224 20.53 6.39 15.27
CA THR A 224 21.50 6.30 16.36
C THR A 224 22.08 4.89 16.44
N PRO B 1 -6.47 -5.36 6.73
CA PRO B 1 -7.77 -6.01 6.51
C PRO B 1 -8.88 -4.97 6.48
N PHE B 2 -10.08 -5.40 6.07
CA PHE B 2 -11.28 -4.60 6.21
C PHE B 2 -11.86 -4.86 7.59
N ILE B 3 -12.09 -3.79 8.34
CA ILE B 3 -12.58 -3.92 9.72
C ILE B 3 -14.10 -4.07 9.69
N THR B 4 -14.61 -5.16 10.27
CA THR B 4 -16.04 -5.41 10.33
C THR B 4 -16.60 -5.32 11.74
N SER B 5 -15.79 -4.87 12.70
CA SER B 5 -16.16 -4.91 14.11
C SER B 5 -17.41 -4.09 14.38
N ARG B 6 -18.27 -4.63 15.25
CA ARG B 6 -19.47 -3.95 15.67
C ARG B 6 -19.12 -2.84 16.66
N PRO B 7 -20.03 -1.90 16.89
CA PRO B 7 -19.73 -0.82 17.84
C PRO B 7 -19.50 -1.37 19.24
N TRP B 8 -18.37 -0.98 19.83
CA TRP B 8 -18.08 -1.35 21.21
C TRP B 8 -17.13 -0.34 21.83
#